data_8TW1
#
_entry.id   8TW1
#
_cell.length_a   83.180
_cell.length_b   64.792
_cell.length_c   55.426
_cell.angle_alpha   90.00
_cell.angle_beta   122.68
_cell.angle_gamma   90.00
#
_symmetry.space_group_name_H-M   'C 1 2 1'
#
loop_
_entity.id
_entity.type
_entity.pdbx_description
1 polymer 'Endolysin Lys2972'
2 non-polymer GLYCEROL
3 non-polymer 'SODIUM ION'
4 water water
#
_entity_poly.entity_id   1
_entity_poly.type   'polypeptide(L)'
_entity_poly.pdbx_seq_one_letter_code
;MNTDVLINWFESRRGKLTYSMYGSRNGSDGTADCSGAISQALKEAGVNIVGLPSTVTLGSQLANNGFYRVSKNEDWNGQR
GDIILMSWGADMSQSGGAGGHVGVMMDSVNFISCDYSTQGAVGQAINTYPWNDYYVANKPSYIEVWRYADTAPQTNNQAN
TAVVPQSKAYYEANEVKYVNGIFQIKCDYLAPVGFDWGENGIPVDMVNWVDANGNDIPDGKSEDFKPGMFFSFAGDEVNI
TDTGEGGYYGGYYYRRFEFGQFGTVWLSCWNKDDLVNYYQHHHHHH
;
_entity_poly.pdbx_strand_id   A
#
# COMPACT_ATOMS: atom_id res chain seq x y z
N MET A 1 -0.71 -15.14 -6.31
CA MET A 1 -1.45 -14.29 -7.29
C MET A 1 -0.98 -14.59 -8.70
N ASN A 2 -1.91 -14.98 -9.56
CA ASN A 2 -1.63 -15.34 -10.95
C ASN A 2 -1.96 -14.10 -11.79
N THR A 3 -0.98 -13.33 -12.15
CA THR A 3 -1.21 -12.04 -12.83
C THR A 3 -1.83 -12.27 -14.19
N ASP A 4 -1.47 -13.35 -14.87
CA ASP A 4 -2.09 -13.64 -16.19
C ASP A 4 -3.59 -13.77 -16.04
N VAL A 5 -4.00 -14.54 -15.06
CA VAL A 5 -5.46 -14.72 -14.82
C VAL A 5 -6.14 -13.38 -14.49
N LEU A 6 -5.53 -12.59 -13.64
CA LEU A 6 -6.07 -11.26 -13.28
C LEU A 6 -6.34 -10.41 -14.52
N ILE A 7 -5.38 -10.30 -15.42
CA ILE A 7 -5.56 -9.40 -16.58
C ILE A 7 -6.48 -10.08 -17.60
N ASN A 8 -6.40 -11.40 -17.75
CA ASN A 8 -7.26 -12.08 -18.75
CA ASN A 8 -7.26 -12.17 -18.70
C ASN A 8 -8.73 -11.96 -18.33
N TRP A 9 -9.04 -11.84 -17.04
CA TRP A 9 -10.42 -11.66 -16.57
C TRP A 9 -10.97 -10.45 -17.34
N PHE A 10 -10.22 -9.35 -17.35
CA PHE A 10 -10.66 -8.08 -18.02
C PHE A 10 -10.61 -8.24 -19.54
N GLU A 11 -9.49 -8.69 -20.07
CA GLU A 11 -9.37 -8.76 -21.55
C GLU A 11 -10.45 -9.64 -22.14
N SER A 12 -10.76 -10.77 -21.53
CA SER A 12 -11.74 -11.69 -22.11
C SER A 12 -13.15 -11.13 -22.07
N ARG A 13 -13.38 -10.03 -21.33
CA ARG A 13 -14.74 -9.50 -21.16
C ARG A 13 -14.88 -8.18 -21.92
N ARG A 14 -13.89 -7.79 -22.70
CA ARG A 14 -14.11 -6.66 -23.64
C ARG A 14 -15.31 -6.97 -24.54
N GLY A 15 -16.26 -6.07 -24.67
CA GLY A 15 -17.45 -6.25 -25.51
C GLY A 15 -18.56 -7.01 -24.81
N LYS A 16 -18.36 -7.52 -23.59
CA LYS A 16 -19.30 -8.49 -22.98
C LYS A 16 -19.88 -8.03 -21.64
N LEU A 17 -19.57 -6.84 -21.15
CA LEU A 17 -20.11 -6.37 -19.87
C LEU A 17 -20.67 -4.97 -20.01
N THR A 18 -21.67 -4.66 -19.23
CA THR A 18 -22.29 -3.33 -19.13
C THR A 18 -22.07 -2.76 -17.72
N TYR A 19 -21.73 -1.50 -17.57
CA TYR A 19 -21.37 -0.88 -16.28
CA TYR A 19 -21.37 -0.91 -16.27
C TYR A 19 -22.63 -0.65 -15.48
N SER A 20 -22.68 -1.14 -14.24
CA SER A 20 -23.79 -0.81 -13.33
C SER A 20 -23.35 -1.00 -11.88
N MET A 21 -23.74 -0.08 -11.00
CA MET A 21 -23.54 -0.26 -9.56
C MET A 21 -24.74 -0.97 -8.91
N TYR A 22 -25.78 -1.36 -9.68
CA TYR A 22 -27.06 -1.79 -9.11
C TYR A 22 -27.31 -3.27 -9.39
N GLY A 23 -26.48 -3.97 -10.17
CA GLY A 23 -26.70 -5.40 -10.48
C GLY A 23 -25.78 -6.32 -9.66
N SER A 24 -25.26 -7.34 -10.31
CA SER A 24 -24.43 -8.37 -9.65
C SER A 24 -23.05 -7.83 -9.24
N ARG A 25 -22.60 -6.74 -9.86
CA ARG A 25 -21.30 -6.09 -9.61
C ARG A 25 -20.12 -6.85 -10.20
N ASN A 26 -20.21 -8.16 -10.33
CA ASN A 26 -19.04 -8.99 -10.69
C ASN A 26 -19.18 -9.68 -12.05
N GLY A 27 -20.16 -9.23 -12.85
CA GLY A 27 -20.35 -9.71 -14.22
C GLY A 27 -21.18 -10.96 -14.31
N SER A 28 -21.67 -11.51 -13.20
CA SER A 28 -22.42 -12.78 -13.27
C SER A 28 -23.78 -12.55 -13.95
N ASP A 29 -24.31 -11.33 -14.01
CA ASP A 29 -25.58 -11.03 -14.75
C ASP A 29 -25.31 -10.17 -16.00
N GLY A 30 -24.07 -10.15 -16.47
CA GLY A 30 -23.67 -9.35 -17.64
C GLY A 30 -23.34 -7.92 -17.25
N THR A 31 -23.44 -7.53 -15.98
CA THR A 31 -23.13 -6.16 -15.51
C THR A 31 -22.11 -6.23 -14.38
N ALA A 32 -21.35 -5.17 -14.24
CA ALA A 32 -20.32 -5.09 -13.18
C ALA A 32 -20.05 -3.63 -12.89
N ASP A 33 -19.52 -3.36 -11.72
CA ASP A 33 -18.94 -2.05 -11.41
C ASP A 33 -17.43 -2.19 -11.22
N CYS A 34 -16.75 -1.10 -10.90
CA CYS A 34 -15.27 -1.14 -10.90
C CYS A 34 -14.72 -2.12 -9.87
N SER A 35 -15.24 -1.99 -8.67
CA SER A 35 -14.75 -2.73 -7.49
C SER A 35 -15.22 -4.17 -7.48
N GLY A 36 -16.45 -4.43 -7.95
CA GLY A 36 -16.89 -5.82 -8.12
C GLY A 36 -16.07 -6.55 -9.17
N ALA A 37 -15.74 -5.87 -10.25
CA ALA A 37 -14.95 -6.50 -11.32
C ALA A 37 -13.57 -6.85 -10.81
N ILE A 38 -12.83 -5.92 -10.18
CA ILE A 38 -11.46 -6.19 -9.73
C ILE A 38 -11.52 -7.28 -8.62
N SER A 39 -12.52 -7.20 -7.76
CA SER A 39 -12.61 -8.21 -6.66
C SER A 39 -12.78 -9.60 -7.27
N GLN A 40 -13.64 -9.74 -8.27
CA GLN A 40 -13.87 -11.03 -8.91
C GLN A 40 -12.59 -11.50 -9.64
N ALA A 41 -11.92 -10.61 -10.34
CA ALA A 41 -10.70 -10.95 -11.05
C ALA A 41 -9.64 -11.41 -10.06
N LEU A 42 -9.51 -10.68 -8.95
CA LEU A 42 -8.54 -11.04 -7.92
C LEU A 42 -8.83 -12.41 -7.32
N LYS A 43 -10.08 -12.70 -7.04
CA LYS A 43 -10.43 -14.08 -6.53
C LYS A 43 -9.97 -15.10 -7.53
N GLU A 44 -10.29 -14.89 -8.78
CA GLU A 44 -10.01 -15.89 -9.83
C GLU A 44 -8.52 -16.03 -10.00
N ALA A 45 -7.75 -15.01 -9.68
CA ALA A 45 -6.30 -14.98 -9.71
C ALA A 45 -5.66 -15.54 -8.44
N GLY A 46 -6.46 -16.02 -7.50
CA GLY A 46 -5.91 -16.71 -6.32
C GLY A 46 -5.70 -15.76 -5.16
N VAL A 47 -6.39 -14.63 -5.10
CA VAL A 47 -6.29 -13.74 -3.91
C VAL A 47 -7.55 -13.93 -3.11
N ASN A 48 -7.43 -14.12 -1.81
CA ASN A 48 -8.56 -14.40 -0.92
C ASN A 48 -9.30 -13.12 -0.55
N ILE A 49 -9.87 -12.45 -1.54
CA ILE A 49 -10.81 -11.33 -1.32
C ILE A 49 -12.13 -11.92 -0.82
N VAL A 50 -12.66 -11.38 0.26
CA VAL A 50 -13.89 -11.85 0.92
C VAL A 50 -15.00 -10.92 0.45
N GLY A 51 -16.04 -11.53 -0.13
CA GLY A 51 -17.11 -10.74 -0.70
C GLY A 51 -16.65 -9.92 -1.87
N LEU A 52 -17.31 -8.81 -2.09
CA LEU A 52 -17.02 -7.90 -3.21
C LEU A 52 -16.85 -6.52 -2.62
N PRO A 53 -15.68 -6.19 -2.05
CA PRO A 53 -15.48 -4.90 -1.41
C PRO A 53 -15.67 -3.73 -2.37
N SER A 54 -16.01 -2.60 -1.82
CA SER A 54 -15.96 -1.30 -2.51
C SER A 54 -14.51 -0.81 -2.60
N THR A 55 -14.33 0.32 -3.27
CA THR A 55 -13.06 1.04 -3.21
C THR A 55 -12.75 1.59 -1.83
N VAL A 56 -13.72 1.70 -0.95
CA VAL A 56 -13.46 2.16 0.42
C VAL A 56 -12.69 1.09 1.22
N THR A 57 -12.92 -0.18 0.98
CA THR A 57 -12.35 -1.25 1.86
C THR A 57 -11.41 -2.19 1.08
N LEU A 58 -11.31 -2.11 -0.23
CA LEU A 58 -10.43 -3.02 -0.98
C LEU A 58 -8.98 -2.90 -0.48
N GLY A 59 -8.46 -1.70 -0.26
CA GLY A 59 -7.05 -1.58 0.16
C GLY A 59 -6.77 -2.45 1.38
N SER A 60 -7.62 -2.39 2.37
CA SER A 60 -7.39 -3.19 3.59
CA SER A 60 -7.39 -3.19 3.60
C SER A 60 -7.32 -4.67 3.27
N GLN A 61 -8.20 -5.13 2.38
CA GLN A 61 -8.14 -6.55 1.98
C GLN A 61 -6.84 -6.86 1.23
N LEU A 62 -6.40 -5.95 0.39
CA LEU A 62 -5.11 -6.20 -0.31
C LEU A 62 -3.99 -6.27 0.71
N ALA A 63 -3.91 -5.35 1.67
CA ALA A 63 -2.86 -5.36 2.71
C ALA A 63 -2.86 -6.68 3.44
N ASN A 64 -3.98 -7.26 3.75
CA ASN A 64 -4.08 -8.51 4.53
C ASN A 64 -3.72 -9.70 3.65
N ASN A 65 -3.57 -9.52 2.36
CA ASN A 65 -3.36 -10.59 1.35
C ASN A 65 -2.06 -10.42 0.61
N GLY A 66 -1.06 -9.84 1.24
CA GLY A 66 0.32 -9.79 0.74
C GLY A 66 0.64 -8.58 -0.12
N PHE A 67 -0.23 -7.61 -0.29
CA PHE A 67 0.05 -6.42 -1.11
C PHE A 67 0.56 -5.31 -0.21
N TYR A 68 1.30 -4.42 -0.86
CA TYR A 68 1.81 -3.17 -0.24
C TYR A 68 1.61 -2.02 -1.23
N ARG A 69 1.63 -0.78 -0.75
CA ARG A 69 1.50 0.41 -1.60
C ARG A 69 2.85 0.72 -2.21
N VAL A 70 2.94 0.84 -3.51
CA VAL A 70 4.13 1.34 -4.23
C VAL A 70 4.01 2.81 -4.51
N SER A 71 2.84 3.40 -4.42
CA SER A 71 2.63 4.85 -4.61
C SER A 71 1.45 5.30 -3.78
N LYS A 72 1.57 6.45 -3.12
CA LYS A 72 0.45 7.18 -2.52
C LYS A 72 0.53 8.58 -3.11
N ASN A 73 -0.27 8.84 -4.13
CA ASN A 73 -0.37 10.18 -4.75
C ASN A 73 1.00 10.58 -5.27
N GLU A 74 1.75 9.65 -5.86
CA GLU A 74 3.06 9.93 -6.48
C GLU A 74 3.18 9.21 -7.82
N ASP A 75 4.08 9.72 -8.66
CA ASP A 75 4.65 8.98 -9.81
C ASP A 75 5.24 7.65 -9.33
N TRP A 76 5.18 6.63 -10.16
CA TRP A 76 5.82 5.34 -9.82
C TRP A 76 6.14 4.58 -11.11
N ASN A 77 6.96 3.57 -10.97
CA ASN A 77 7.34 2.68 -12.08
C ASN A 77 6.34 1.54 -12.18
N GLY A 78 5.44 1.68 -13.11
CA GLY A 78 4.31 0.78 -13.31
C GLY A 78 4.72 -0.61 -13.71
N GLN A 79 4.06 -1.62 -13.24
CA GLN A 79 4.27 -2.98 -13.73
C GLN A 79 2.96 -3.75 -13.71
N ARG A 80 2.94 -4.72 -14.58
CA ARG A 80 1.78 -5.57 -14.80
C ARG A 80 1.29 -6.02 -13.43
N GLY A 81 -0.02 -5.94 -13.22
CA GLY A 81 -0.67 -6.40 -11.99
C GLY A 81 -0.77 -5.35 -10.91
N ASP A 82 -0.20 -4.17 -11.10
CA ASP A 82 -0.34 -3.09 -10.10
C ASP A 82 -1.84 -2.73 -10.07
N ILE A 83 -2.40 -2.57 -8.91
CA ILE A 83 -3.83 -2.24 -8.71
C ILE A 83 -3.95 -0.80 -8.29
N ILE A 84 -4.62 0.02 -9.07
CA ILE A 84 -4.71 1.47 -8.79
C ILE A 84 -6.07 1.77 -8.21
N LEU A 85 -6.15 2.24 -6.98
CA LEU A 85 -7.35 2.80 -6.33
C LEU A 85 -7.27 4.30 -6.48
N MET A 86 -8.42 4.89 -6.71
CA MET A 86 -8.43 6.35 -6.87
C MET A 86 -9.72 6.92 -6.32
N SER A 87 -9.60 8.18 -5.89
CA SER A 87 -10.73 8.91 -5.26
C SER A 87 -10.75 10.33 -5.80
N TRP A 88 -11.95 10.88 -5.68
CA TRP A 88 -12.18 12.30 -5.98
C TRP A 88 -12.38 13.05 -4.65
N GLY A 89 -12.18 12.35 -3.54
CA GLY A 89 -12.00 12.96 -2.20
C GLY A 89 -10.53 12.98 -1.78
N ALA A 90 -10.23 13.03 -0.48
CA ALA A 90 -8.84 13.17 0.00
C ALA A 90 -8.10 11.85 0.13
N ASP A 91 -8.83 10.74 0.22
CA ASP A 91 -8.27 9.38 0.35
C ASP A 91 -9.39 8.42 -0.03
N MET A 92 -9.24 7.14 0.26
CA MET A 92 -10.22 6.16 -0.20
C MET A 92 -11.43 6.13 0.74
N SER A 93 -11.39 6.80 1.90
CA SER A 93 -12.52 6.78 2.89
C SER A 93 -13.68 7.58 2.31
N GLN A 94 -13.36 8.45 1.37
CA GLN A 94 -14.24 9.39 0.64
C GLN A 94 -14.49 8.90 -0.79
N SER A 95 -14.40 7.61 -1.05
CA SER A 95 -14.44 7.09 -2.45
C SER A 95 -15.73 6.35 -2.76
N GLY A 96 -16.75 6.46 -1.91
CA GLY A 96 -17.96 5.71 -2.17
C GLY A 96 -18.64 6.08 -3.49
N GLY A 97 -19.29 5.14 -4.13
CA GLY A 97 -20.08 5.32 -5.34
C GLY A 97 -19.25 5.83 -6.49
N ALA A 98 -19.71 6.85 -7.20
CA ALA A 98 -19.00 7.45 -8.35
C ALA A 98 -17.78 8.24 -7.87
N GLY A 99 -17.56 8.41 -6.59
CA GLY A 99 -16.38 9.05 -5.99
C GLY A 99 -15.13 8.20 -6.04
N GLY A 100 -15.24 6.95 -6.49
CA GLY A 100 -14.05 6.06 -6.43
C GLY A 100 -13.92 5.29 -7.71
N HIS A 101 -12.73 4.84 -8.02
CA HIS A 101 -12.50 3.97 -9.17
C HIS A 101 -11.36 3.03 -8.82
N VAL A 102 -11.26 1.93 -9.57
CA VAL A 102 -10.12 1.00 -9.41
C VAL A 102 -9.90 0.27 -10.72
N GLY A 103 -8.68 -0.04 -11.05
CA GLY A 103 -8.36 -0.89 -12.19
C GLY A 103 -6.95 -1.44 -12.06
N VAL A 104 -6.41 -2.03 -13.09
CA VAL A 104 -5.15 -2.77 -13.01
C VAL A 104 -4.27 -2.40 -14.20
N MET A 105 -2.97 -2.30 -13.92
CA MET A 105 -1.99 -2.15 -15.02
C MET A 105 -1.76 -3.47 -15.74
N MET A 106 -1.80 -3.43 -17.06
CA MET A 106 -1.52 -4.65 -17.89
C MET A 106 -0.01 -4.80 -18.10
N ASP A 107 0.70 -3.71 -18.01
CA ASP A 107 2.14 -3.54 -18.34
C ASP A 107 2.55 -2.18 -17.78
N SER A 108 3.71 -1.61 -18.12
CA SER A 108 4.18 -0.36 -17.49
C SER A 108 3.38 0.84 -18.00
N VAL A 109 2.55 0.65 -19.04
CA VAL A 109 1.89 1.78 -19.76
C VAL A 109 0.37 1.70 -19.64
N ASN A 110 -0.23 0.55 -19.94
CA ASN A 110 -1.66 0.46 -20.20
C ASN A 110 -2.41 0.04 -18.94
N PHE A 111 -3.53 0.68 -18.74
CA PHE A 111 -4.48 0.49 -17.60
C PHE A 111 -5.80 -0.10 -18.12
N ILE A 112 -6.33 -1.13 -17.48
CA ILE A 112 -7.63 -1.69 -17.90
C ILE A 112 -8.55 -1.65 -16.69
N SER A 113 -9.82 -1.44 -16.88
CA SER A 113 -10.80 -1.36 -15.77
C SER A 113 -12.21 -1.57 -16.29
N CYS A 114 -13.13 -1.78 -15.39
CA CYS A 114 -14.57 -1.72 -15.67
C CYS A 114 -15.04 -0.33 -15.27
N ASP A 115 -15.40 0.52 -16.24
CA ASP A 115 -15.61 1.96 -16.02
C ASP A 115 -16.77 2.52 -16.84
N TYR A 116 -17.00 3.80 -16.61
CA TYR A 116 -18.10 4.56 -17.21
C TYR A 116 -17.56 5.40 -18.36
N SER A 117 -16.38 5.12 -18.87
CA SER A 117 -15.78 5.98 -19.93
C SER A 117 -16.60 5.92 -21.21
N THR A 118 -17.38 4.88 -21.45
CA THR A 118 -18.27 4.68 -22.59
C THR A 118 -19.68 4.99 -22.18
N GLN A 119 -19.91 5.69 -21.10
CA GLN A 119 -21.23 6.20 -20.68
C GLN A 119 -22.24 5.06 -20.60
N GLY A 120 -21.83 3.88 -20.15
CA GLY A 120 -22.76 2.77 -19.89
C GLY A 120 -23.27 2.12 -21.15
N ALA A 121 -22.63 2.31 -22.30
CA ALA A 121 -22.99 1.58 -23.53
C ALA A 121 -22.95 0.07 -23.30
N VAL A 122 -23.91 -0.62 -23.90
CA VAL A 122 -24.10 -2.06 -23.63
C VAL A 122 -22.89 -2.79 -24.17
N GLY A 123 -22.29 -3.65 -23.29
CA GLY A 123 -21.14 -4.41 -23.70
C GLY A 123 -19.81 -3.70 -23.50
N GLN A 124 -19.86 -2.38 -23.27
CA GLN A 124 -18.64 -1.57 -23.40
C GLN A 124 -18.05 -1.14 -22.04
N ALA A 125 -18.18 -1.96 -21.02
CA ALA A 125 -17.68 -1.56 -19.67
C ALA A 125 -16.18 -1.69 -19.58
N ILE A 126 -15.57 -2.67 -20.22
CA ILE A 126 -14.12 -2.92 -20.02
C ILE A 126 -13.35 -2.10 -21.03
N ASN A 127 -12.55 -1.20 -20.52
CA ASN A 127 -11.89 -0.18 -21.34
C ASN A 127 -10.41 -0.12 -20.96
N THR A 128 -9.55 0.08 -21.96
CA THR A 128 -8.08 0.12 -21.76
C THR A 128 -7.53 1.43 -22.30
N TYR A 129 -6.72 2.13 -21.54
CA TYR A 129 -6.12 3.44 -21.91
C TYR A 129 -4.69 3.47 -21.39
N PRO A 130 -3.78 4.24 -21.98
CA PRO A 130 -2.51 4.52 -21.31
C PRO A 130 -2.80 5.25 -19.99
N TRP A 131 -2.22 4.76 -18.88
CA TRP A 131 -2.49 5.35 -17.55
C TRP A 131 -2.27 6.86 -17.56
N ASN A 132 -1.17 7.34 -18.15
CA ASN A 132 -0.86 8.79 -18.05
C ASN A 132 -2.02 9.58 -18.65
N ASP A 133 -2.59 9.08 -19.74
CA ASP A 133 -3.74 9.78 -20.36
C ASP A 133 -5.00 9.65 -19.52
N TYR A 134 -5.23 8.46 -18.94
CA TYR A 134 -6.42 8.25 -18.07
C TYR A 134 -6.40 9.22 -16.89
N TYR A 135 -5.22 9.40 -16.33
CA TYR A 135 -5.06 10.24 -15.13
C TYR A 135 -5.34 11.71 -15.45
N VAL A 136 -4.82 12.23 -16.55
CA VAL A 136 -5.02 13.65 -16.93
CA VAL A 136 -5.03 13.66 -16.94
C VAL A 136 -6.49 13.84 -17.36
N ALA A 137 -7.11 12.84 -17.95
CA ALA A 137 -8.51 12.95 -18.35
C ALA A 137 -9.43 12.95 -17.13
N ASN A 138 -9.21 12.01 -16.18
CA ASN A 138 -10.20 11.75 -15.11
C ASN A 138 -9.85 12.56 -13.88
N LYS A 139 -8.61 12.93 -13.70
CA LYS A 139 -8.15 13.87 -12.64
C LYS A 139 -8.61 13.49 -11.23
N PRO A 140 -8.33 12.25 -10.77
CA PRO A 140 -8.65 11.94 -9.38
C PRO A 140 -7.72 12.77 -8.50
N SER A 141 -8.22 13.15 -7.33
CA SER A 141 -7.44 13.94 -6.36
C SER A 141 -6.56 13.08 -5.49
N TYR A 142 -6.83 11.77 -5.45
CA TYR A 142 -6.02 10.82 -4.68
C TYR A 142 -5.88 9.51 -5.43
N ILE A 143 -4.67 8.99 -5.49
CA ILE A 143 -4.43 7.63 -6.03
C ILE A 143 -3.55 6.85 -5.08
N GLU A 144 -3.75 5.56 -4.98
CA GLU A 144 -2.78 4.67 -4.31
C GLU A 144 -2.62 3.46 -5.21
N VAL A 145 -1.46 2.91 -5.25
CA VAL A 145 -1.13 1.78 -6.13
C VAL A 145 -0.63 0.63 -5.29
N TRP A 146 -1.21 -0.53 -5.42
CA TRP A 146 -0.93 -1.72 -4.64
C TRP A 146 -0.23 -2.73 -5.52
N ARG A 147 0.77 -3.39 -4.96
CA ARG A 147 1.58 -4.40 -5.62
C ARG A 147 1.69 -5.60 -4.71
N TYR A 148 1.61 -6.80 -5.28
CA TYR A 148 1.73 -8.05 -4.52
C TYR A 148 3.19 -8.31 -4.19
N ALA A 149 3.48 -8.67 -2.94
CA ALA A 149 4.85 -9.08 -2.55
C ALA A 149 4.95 -10.58 -2.86
N ASP A 150 5.84 -10.93 -3.81
CA ASP A 150 6.03 -12.34 -4.18
C ASP A 150 6.61 -13.15 -3.05
N THR A 151 7.22 -12.51 -2.06
CA THR A 151 7.75 -13.14 -0.85
C THR A 151 6.67 -13.41 0.19
N ALA A 152 5.42 -13.07 -0.05
CA ALA A 152 4.39 -13.15 1.01
C ALA A 152 4.21 -14.57 1.57
N PRO A 153 4.24 -15.68 0.79
CA PRO A 153 4.12 -17.00 1.42
C PRO A 153 5.27 -17.28 2.38
N GLN A 154 6.48 -16.81 2.07
CA GLN A 154 7.69 -17.04 2.90
C GLN A 154 7.67 -16.14 4.12
N THR A 155 7.37 -14.87 4.01
CA THR A 155 7.40 -13.99 5.20
C THR A 155 6.21 -14.31 6.11
N ASN A 156 5.07 -14.70 5.51
CA ASN A 156 3.97 -15.43 6.20
C ASN A 156 3.30 -14.57 7.26
N ASN A 157 3.27 -13.27 7.04
CA ASN A 157 2.61 -12.32 7.96
C ASN A 157 3.27 -12.30 9.33
N GLN A 158 4.58 -12.52 9.34
CA GLN A 158 5.42 -12.36 10.54
CA GLN A 158 5.41 -12.35 10.55
C GLN A 158 6.07 -10.98 10.57
N ALA A 159 6.50 -10.52 11.75
CA ALA A 159 7.28 -9.30 11.86
C ALA A 159 8.64 -9.47 11.17
N ASN A 160 9.15 -8.43 10.54
CA ASN A 160 10.44 -8.58 9.85
C ASN A 160 11.54 -8.89 10.88
N THR A 161 11.39 -8.51 12.14
CA THR A 161 12.38 -8.88 13.18
C THR A 161 12.46 -10.39 13.32
N ALA A 162 11.43 -11.13 13.01
CA ALA A 162 11.41 -12.62 13.03
C ALA A 162 11.90 -13.12 11.68
N VAL A 163 11.50 -12.50 10.58
CA VAL A 163 11.88 -12.98 9.23
C VAL A 163 13.39 -12.87 9.06
N VAL A 164 13.97 -11.75 9.46
CA VAL A 164 15.42 -11.47 9.33
C VAL A 164 16.02 -11.23 10.71
N PRO A 165 16.41 -12.28 11.44
CA PRO A 165 16.89 -12.09 12.80
C PRO A 165 18.19 -11.28 12.86
N GLN A 166 18.28 -10.42 13.86
CA GLN A 166 19.50 -9.67 14.22
C GLN A 166 19.59 -9.68 15.74
N SER A 167 20.77 -9.90 16.32
CA SER A 167 20.95 -10.08 17.79
C SER A 167 20.83 -8.74 18.54
N LYS A 168 21.19 -7.65 17.85
CA LYS A 168 21.32 -6.26 18.36
C LYS A 168 20.07 -5.44 18.01
N ALA A 169 19.39 -4.77 18.95
CA ALA A 169 18.23 -3.89 18.65
C ALA A 169 18.74 -2.48 18.28
N TYR A 170 19.47 -2.34 17.19
CA TYR A 170 19.81 -1.00 16.63
C TYR A 170 19.71 -1.14 15.12
N TYR A 171 19.66 0.00 14.47
CA TYR A 171 19.12 0.11 13.11
C TYR A 171 19.87 1.15 12.33
N GLU A 172 19.84 1.05 11.01
CA GLU A 172 20.44 2.03 10.15
C GLU A 172 19.40 2.95 9.55
N ALA A 173 19.70 4.22 9.43
CA ALA A 173 18.89 5.21 8.69
C ALA A 173 19.22 5.16 7.22
N ASN A 174 18.35 4.61 6.41
CA ASN A 174 18.54 4.54 4.96
C ASN A 174 18.32 5.90 4.33
N GLU A 175 17.30 6.64 4.73
CA GLU A 175 17.08 8.02 4.30
C GLU A 175 16.66 8.83 5.51
N VAL A 176 16.99 10.10 5.45
CA VAL A 176 16.61 11.05 6.51
C VAL A 176 16.02 12.22 5.80
N LYS A 177 14.78 12.59 6.11
CA LYS A 177 14.09 13.64 5.36
C LYS A 177 13.28 14.49 6.33
N TYR A 178 13.24 15.80 6.02
CA TYR A 178 12.35 16.72 6.71
C TYR A 178 10.96 16.53 6.12
N VAL A 179 10.04 15.99 6.87
CA VAL A 179 8.66 15.66 6.45
C VAL A 179 7.74 16.11 7.58
N ASN A 180 6.62 16.77 7.22
CA ASN A 180 5.63 17.22 8.23
C ASN A 180 6.30 17.95 9.39
N GLY A 181 7.28 18.80 9.08
CA GLY A 181 7.83 19.74 10.08
C GLY A 181 8.92 19.20 10.98
N ILE A 182 9.32 17.95 10.81
CA ILE A 182 10.35 17.30 11.66
C ILE A 182 11.25 16.43 10.75
N PHE A 183 12.47 16.26 11.21
CA PHE A 183 13.35 15.29 10.56
C PHE A 183 12.90 13.89 10.94
N GLN A 184 12.85 13.03 9.89
CA GLN A 184 12.39 11.63 10.07
C GLN A 184 13.30 10.66 9.34
N ILE A 185 13.25 9.44 9.85
CA ILE A 185 14.10 8.35 9.35
C ILE A 185 13.25 7.34 8.55
N LYS A 186 13.77 6.94 7.40
CA LYS A 186 13.36 5.72 6.65
CA LYS A 186 13.35 5.72 6.65
C LYS A 186 14.30 4.60 7.04
N CYS A 187 13.82 3.56 7.69
CA CYS A 187 14.60 2.40 8.13
C CYS A 187 14.03 1.18 7.41
N ASP A 188 14.74 0.74 6.39
CA ASP A 188 14.23 -0.40 5.56
C ASP A 188 14.03 -1.65 6.41
N TYR A 189 14.80 -1.96 7.39
CA TYR A 189 14.63 -3.17 8.19
C TYR A 189 13.28 -3.12 8.85
N LEU A 190 12.88 -1.97 9.37
CA LEU A 190 11.61 -1.81 10.10
C LEU A 190 10.42 -1.60 9.16
N ALA A 191 10.65 -1.26 7.92
CA ALA A 191 9.57 -1.05 6.96
C ALA A 191 10.02 -1.67 5.64
N PRO A 192 9.97 -3.00 5.55
CA PRO A 192 10.70 -3.68 4.48
C PRO A 192 10.07 -3.55 3.09
N VAL A 193 8.78 -3.26 3.00
CA VAL A 193 8.11 -3.05 1.68
C VAL A 193 7.16 -1.88 1.79
N GLY A 194 6.98 -1.19 0.68
CA GLY A 194 5.94 -0.18 0.59
C GLY A 194 6.04 0.90 1.63
N PHE A 195 7.26 1.37 1.88
CA PHE A 195 7.47 2.45 2.88
C PHE A 195 6.69 3.70 2.45
N ASP A 196 6.20 4.40 3.45
CA ASP A 196 5.53 5.70 3.30
C ASP A 196 5.99 6.62 4.44
N TRP A 197 6.38 7.87 4.14
CA TRP A 197 6.89 8.75 5.22
C TRP A 197 5.81 8.95 6.28
N GLY A 198 4.54 9.06 5.87
CA GLY A 198 3.45 9.35 6.80
C GLY A 198 3.17 8.15 7.67
N GLU A 199 3.32 6.94 7.17
CA GLU A 199 2.99 5.74 7.93
C GLU A 199 4.16 5.23 8.74
N ASN A 200 5.38 5.33 8.24
CA ASN A 200 6.53 4.55 8.78
C ASN A 200 7.68 5.44 9.21
N GLY A 201 7.64 6.74 8.94
CA GLY A 201 8.78 7.63 9.29
C GLY A 201 8.96 7.74 10.77
N ILE A 202 10.21 7.61 11.18
CA ILE A 202 10.59 7.68 12.63
C ILE A 202 11.15 9.04 12.99
N PRO A 203 10.56 9.77 13.93
CA PRO A 203 11.15 11.06 14.34
C PRO A 203 12.59 10.99 14.87
N VAL A 204 13.50 11.68 14.21
CA VAL A 204 14.91 11.73 14.67
C VAL A 204 14.98 12.21 16.13
N ASP A 205 14.10 13.11 16.53
CA ASP A 205 14.12 13.70 17.89
C ASP A 205 13.86 12.59 18.92
N MET A 206 13.31 11.44 18.56
CA MET A 206 12.94 10.38 19.53
C MET A 206 13.79 9.12 19.42
N VAL A 207 14.90 9.19 18.74
CA VAL A 207 15.88 8.07 18.64
C VAL A 207 17.14 8.42 19.42
N ASN A 208 17.87 7.38 19.76
CA ASN A 208 19.20 7.44 20.39
C ASN A 208 20.27 7.22 19.33
N TRP A 209 21.22 8.12 19.14
CA TRP A 209 22.29 7.94 18.14
C TRP A 209 23.22 6.85 18.68
N VAL A 210 23.65 5.96 17.78
CA VAL A 210 24.69 4.93 18.06
C VAL A 210 25.60 4.84 16.85
N ASP A 211 26.79 4.26 17.12
CA ASP A 211 27.81 4.03 16.08
C ASP A 211 27.47 2.75 15.32
N ALA A 212 28.27 2.41 14.32
CA ALA A 212 27.99 1.27 13.40
C ALA A 212 27.96 -0.07 14.17
N ASN A 213 28.57 -0.16 15.37
CA ASN A 213 28.60 -1.37 16.23
C ASN A 213 27.54 -1.32 17.34
N GLY A 214 26.68 -0.31 17.34
CA GLY A 214 25.56 -0.21 18.32
C GLY A 214 25.95 0.44 19.63
N ASN A 215 27.17 0.98 19.71
CA ASN A 215 27.63 1.62 20.96
C ASN A 215 26.96 2.97 21.06
N ASP A 216 26.42 3.26 22.24
CA ASP A 216 25.80 4.58 22.51
C ASP A 216 26.83 5.66 22.20
N ILE A 217 26.48 6.69 21.41
CA ILE A 217 27.24 7.96 21.20
C ILE A 217 26.35 9.17 21.52
N PRO A 218 26.94 10.39 21.68
CA PRO A 218 26.18 11.61 21.96
C PRO A 218 25.20 11.96 20.83
N ASP A 219 23.98 12.32 21.20
CA ASP A 219 22.92 12.69 20.23
C ASP A 219 23.22 14.11 19.74
N GLY A 220 23.44 14.32 18.46
CA GLY A 220 23.59 15.65 17.85
C GLY A 220 22.24 16.28 17.56
N LYS A 221 22.26 17.38 16.84
CA LYS A 221 21.02 18.08 16.51
C LYS A 221 20.32 17.24 15.45
N SER A 222 19.01 17.31 15.40
CA SER A 222 18.24 16.50 14.43
C SER A 222 18.55 16.84 12.98
N GLU A 223 18.84 18.11 12.61
CA GLU A 223 19.20 18.48 11.22
C GLU A 223 20.61 17.98 10.83
N ASP A 224 21.32 17.35 11.75
CA ASP A 224 22.70 16.85 11.52
C ASP A 224 22.73 15.31 11.46
N PHE A 225 21.59 14.66 11.65
CA PHE A 225 21.50 13.19 11.49
C PHE A 225 21.43 12.86 10.00
N LYS A 226 22.27 11.95 9.50
CA LYS A 226 22.46 11.70 8.06
C LYS A 226 22.09 10.28 7.69
N PRO A 227 21.73 10.05 6.42
CA PRO A 227 21.60 8.69 5.91
C PRO A 227 22.92 7.93 6.16
N GLY A 228 22.82 6.68 6.57
CA GLY A 228 23.96 5.80 6.82
C GLY A 228 24.38 5.87 8.27
N MET A 229 23.81 6.80 9.08
CA MET A 229 24.01 6.78 10.54
C MET A 229 23.11 5.74 11.18
N PHE A 230 23.37 5.35 12.41
CA PHE A 230 22.66 4.31 13.14
C PHE A 230 21.96 4.89 14.35
N PHE A 231 21.01 4.13 14.87
CA PHE A 231 20.18 4.57 15.98
C PHE A 231 19.63 3.38 16.72
N SER A 232 19.19 3.65 17.94
CA SER A 232 18.41 2.73 18.75
C SER A 232 17.27 3.51 19.42
N PHE A 233 16.45 2.83 20.21
CA PHE A 233 15.35 3.43 21.00
C PHE A 233 15.60 3.12 22.46
N ALA A 234 15.71 4.15 23.29
CA ALA A 234 15.94 3.96 24.74
C ALA A 234 14.66 3.42 25.38
N VAL A 238 9.84 6.67 26.82
CA VAL A 238 8.57 6.89 27.57
C VAL A 238 7.52 7.58 26.67
N ASN A 239 7.89 8.58 25.86
CA ASN A 239 6.98 9.18 24.83
C ASN A 239 6.90 8.26 23.58
N ILE A 240 7.54 7.10 23.55
CA ILE A 240 7.21 6.05 22.54
C ILE A 240 6.17 5.12 23.14
N THR A 241 4.97 5.10 22.60
CA THR A 241 3.85 4.30 23.10
C THR A 241 3.55 3.15 22.13
N ASP A 242 3.41 1.95 22.66
CA ASP A 242 2.82 0.84 21.91
C ASP A 242 1.32 0.99 21.97
N THR A 243 0.63 1.24 20.87
CA THR A 243 -0.85 1.34 20.87
C THR A 243 -1.51 -0.02 21.10
N GLY A 244 -0.76 -1.10 20.91
CA GLY A 244 -1.25 -2.49 21.03
C GLY A 244 -1.94 -2.96 19.74
N GLU A 245 -2.07 -2.09 18.74
CA GLU A 245 -2.73 -2.42 17.45
C GLU A 245 -1.65 -2.94 16.46
N GLY A 246 -1.98 -4.04 15.85
CA GLY A 246 -1.17 -4.70 14.82
C GLY A 246 -1.93 -4.71 13.51
N GLY A 247 -1.24 -5.04 12.43
CA GLY A 247 -1.85 -5.19 11.13
C GLY A 247 -0.94 -5.96 10.20
N TYR A 248 -1.49 -6.44 9.13
CA TYR A 248 -0.76 -7.10 8.04
C TYR A 248 -0.58 -6.15 6.88
N TYR A 249 0.56 -6.29 6.18
CA TYR A 249 0.88 -5.41 5.06
C TYR A 249 2.04 -6.03 4.31
N GLY A 250 1.85 -6.30 3.02
CA GLY A 250 2.95 -6.75 2.17
C GLY A 250 3.53 -8.09 2.62
N GLY A 251 2.76 -8.94 3.30
CA GLY A 251 3.23 -10.24 3.80
C GLY A 251 3.93 -10.14 5.12
N TYR A 252 3.85 -9.03 5.84
CA TYR A 252 4.50 -8.80 7.12
C TYR A 252 3.50 -8.35 8.16
N TYR A 253 3.82 -8.63 9.42
CA TYR A 253 3.17 -7.97 10.57
C TYR A 253 3.80 -6.62 10.77
N TYR A 254 2.97 -5.65 11.05
CA TYR A 254 3.40 -4.33 11.54
C TYR A 254 2.68 -3.97 12.84
N ARG A 255 3.36 -3.28 13.72
CA ARG A 255 2.82 -2.80 14.99
C ARG A 255 2.68 -1.28 14.94
N ARG A 256 1.57 -0.76 15.48
CA ARG A 256 1.35 0.70 15.46
C ARG A 256 1.85 1.34 16.77
N PHE A 257 2.84 2.17 16.68
CA PHE A 257 3.37 2.97 17.79
C PHE A 257 2.78 4.36 17.68
N GLU A 258 2.90 5.09 18.76
CA GLU A 258 2.61 6.53 18.76
C GLU A 258 3.82 7.26 19.35
N PHE A 259 4.34 8.29 18.72
CA PHE A 259 5.55 8.98 19.17
C PHE A 259 5.10 10.34 19.71
N GLY A 260 4.54 10.36 20.90
CA GLY A 260 3.93 11.57 21.45
C GLY A 260 2.91 12.22 20.52
N GLN A 261 2.93 13.54 20.41
CA GLN A 261 2.00 14.25 19.53
C GLN A 261 2.40 14.11 18.06
N PHE A 262 3.59 13.57 17.77
CA PHE A 262 3.98 13.36 16.35
C PHE A 262 3.13 12.32 15.68
N GLY A 263 2.45 11.48 16.43
CA GLY A 263 1.42 10.65 15.81
C GLY A 263 1.87 9.21 15.64
N THR A 264 1.19 8.52 14.76
CA THR A 264 1.34 7.05 14.65
C THR A 264 2.47 6.70 13.68
N VAL A 265 3.15 5.63 14.01
CA VAL A 265 4.26 5.06 13.21
C VAL A 265 4.14 3.58 13.27
N TRP A 266 4.02 2.98 12.08
CA TRP A 266 3.92 1.53 11.93
C TRP A 266 5.30 0.95 11.59
N LEU A 267 5.68 -0.07 12.37
CA LEU A 267 7.03 -0.68 12.22
C LEU A 267 6.87 -2.20 12.28
N SER A 268 7.69 -2.90 11.50
CA SER A 268 7.57 -4.37 11.39
C SER A 268 8.35 -5.09 12.50
N CYS A 269 7.84 -4.95 13.70
CA CYS A 269 8.35 -5.63 14.91
C CYS A 269 7.13 -6.03 15.67
N TRP A 270 7.29 -6.88 16.70
CA TRP A 270 6.12 -7.47 17.35
C TRP A 270 5.44 -6.48 18.31
N ASN A 271 6.24 -5.65 18.96
CA ASN A 271 5.78 -4.82 20.11
C ASN A 271 6.94 -3.94 20.55
N LYS A 272 6.67 -3.12 21.57
CA LYS A 272 7.71 -2.19 22.01
C LYS A 272 8.99 -2.90 22.53
N ASP A 273 8.83 -4.03 23.24
CA ASP A 273 10.02 -4.74 23.76
C ASP A 273 10.93 -5.21 22.61
N ASP A 274 10.37 -5.65 21.49
CA ASP A 274 11.15 -6.05 20.30
C ASP A 274 11.81 -4.79 19.73
N LEU A 275 11.11 -3.66 19.73
CA LEU A 275 11.65 -2.41 19.10
C LEU A 275 12.88 -1.90 19.86
N VAL A 276 12.80 -1.80 21.19
CA VAL A 276 13.72 -0.95 22.00
C VAL A 276 14.88 -1.78 22.57
N ASN A 277 15.90 -1.07 23.05
CA ASN A 277 17.04 -1.62 23.84
C ASN A 277 16.73 -1.45 25.34
#